data_2F7T
#
_entry.id   2F7T
#
_cell.length_a   44.243
_cell.length_b   44.243
_cell.length_c   206.047
_cell.angle_alpha   90.00
_cell.angle_beta   90.00
_cell.angle_gamma   90.00
#
_symmetry.space_group_name_H-M   'P 41 21 2'
#
loop_
_entity.id
_entity.type
_entity.pdbx_description
1 polymer 'Mos1 transposase'
2 non-polymer 'MAGNESIUM ION'
3 water water
#
_entity_poly.entity_id   1
_entity_poly.type   'polypeptide(L)'
_entity_poly.pdbx_seq_one_letter_code
;WVPHELNERQMERRKNTCEILLSRYKRKSFLHRIVTGDEKWIFFVNPKRKKSYVDPGQPATSTARPNRFGKKTMLCVWWD
QSGVIYYELLKPGETVNAARYQQQLINLNRALQRKRPEYQKRQHRVIFLHDNAPSHTARAVRDTLETLNWEVLPHAAYSP
DLAPSDYHLFASMGHALAEQRFDSYESVKKWLDEWFAAKDDEFYWRGIHKLPERWEKCVASDGKYFE
;
_entity_poly.pdbx_strand_id   A
#
loop_
_chem_comp.id
_chem_comp.type
_chem_comp.name
_chem_comp.formula
MG non-polymer 'MAGNESIUM ION' 'Mg 2'
#
# COMPACT_ATOMS: atom_id res chain seq x y z
N TRP A 1 -15.87 4.48 -12.04
CA TRP A 1 -16.86 4.77 -10.96
C TRP A 1 -17.45 3.50 -10.27
N VAL A 2 -18.68 3.12 -10.66
CA VAL A 2 -19.46 2.03 -10.00
C VAL A 2 -18.70 0.67 -9.87
N PRO A 3 -19.12 -0.23 -8.96
CA PRO A 3 -18.20 -1.28 -8.46
C PRO A 3 -17.99 -2.42 -9.45
N HIS A 4 -16.71 -2.63 -9.84
CA HIS A 4 -16.27 -3.71 -10.75
C HIS A 4 -17.03 -4.99 -10.45
N GLU A 5 -17.53 -5.62 -11.48
CA GLU A 5 -18.21 -6.87 -11.23
C GLU A 5 -17.15 -8.00 -11.33
N LEU A 6 -16.91 -8.67 -10.21
CA LEU A 6 -15.93 -9.74 -10.18
C LEU A 6 -16.38 -10.92 -11.06
N ASN A 7 -15.49 -11.55 -11.75
CA ASN A 7 -15.90 -12.74 -12.41
C ASN A 7 -15.42 -13.95 -11.61
N GLU A 8 -15.60 -15.16 -12.11
CA GLU A 8 -15.36 -16.38 -11.34
C GLU A 8 -13.89 -16.56 -10.95
N ARG A 9 -13.04 -16.39 -11.95
CA ARG A 9 -11.62 -16.34 -11.83
C ARG A 9 -11.17 -15.40 -10.70
N GLN A 10 -11.65 -14.16 -10.75
CA GLN A 10 -11.36 -13.14 -9.75
C GLN A 10 -11.79 -13.49 -8.34
N MET A 11 -13.02 -14.01 -8.17
CA MET A 11 -13.54 -14.39 -6.86
C MET A 11 -12.83 -15.60 -6.27
N GLU A 12 -12.52 -16.57 -7.12
CA GLU A 12 -11.64 -17.71 -6.79
C GLU A 12 -10.22 -17.31 -6.29
N ARG A 13 -9.54 -16.44 -7.03
CA ARG A 13 -8.24 -15.88 -6.58
C ARG A 13 -8.34 -15.13 -5.25
N ARG A 14 -9.29 -14.25 -5.08
CA ARG A 14 -9.54 -13.58 -3.79
C ARG A 14 -9.74 -14.57 -2.65
N LYS A 15 -10.66 -15.50 -2.84
CA LYS A 15 -11.04 -16.43 -1.79
C LYS A 15 -9.85 -17.25 -1.44
N ASN A 16 -9.17 -17.75 -2.43
CA ASN A 16 -8.07 -18.60 -2.17
C ASN A 16 -6.88 -17.86 -1.57
N THR A 17 -6.56 -16.68 -2.06
CA THR A 17 -5.52 -15.88 -1.44
C THR A 17 -5.89 -15.63 0.01
N CYS A 18 -7.13 -15.19 0.29
CA CYS A 18 -7.51 -14.94 1.70
C CYS A 18 -7.42 -16.16 2.58
N GLU A 19 -7.78 -17.34 2.08
CA GLU A 19 -7.60 -18.56 2.88
C GLU A 19 -6.17 -18.81 3.23
N ILE A 20 -5.28 -18.65 2.29
CA ILE A 20 -3.90 -18.95 2.51
C ILE A 20 -3.33 -17.95 3.56
N LEU A 21 -3.57 -16.67 3.36
CA LEU A 21 -3.07 -15.64 4.31
C LEU A 21 -3.66 -15.84 5.74
N LEU A 22 -4.94 -16.12 5.81
CA LEU A 22 -5.63 -16.34 7.11
C LEU A 22 -5.16 -17.63 7.78
N SER A 23 -4.94 -18.71 7.08
CA SER A 23 -4.45 -19.85 7.85
C SER A 23 -3.00 -19.64 8.28
N ARG A 24 -2.15 -19.05 7.43
CA ARG A 24 -0.82 -18.60 7.88
C ARG A 24 -0.89 -17.67 9.10
N TYR A 25 -1.75 -16.68 9.08
CA TYR A 25 -1.84 -15.75 10.17
C TYR A 25 -2.23 -16.45 11.49
N LYS A 26 -3.08 -17.47 11.43
CA LYS A 26 -3.50 -18.23 12.61
C LYS A 26 -2.39 -19.13 13.13
N ARG A 27 -1.62 -19.76 12.25
CA ARG A 27 -0.43 -20.44 12.67
C ARG A 27 0.51 -19.45 13.40
N LYS A 28 0.88 -18.31 12.78
CA LYS A 28 1.77 -17.34 13.44
C LYS A 28 1.57 -15.97 12.81
N SER A 29 1.10 -15.02 13.57
CA SER A 29 0.87 -13.67 13.04
C SER A 29 2.14 -13.07 12.49
N PHE A 30 2.04 -12.49 11.31
CA PHE A 30 3.19 -11.89 10.62
C PHE A 30 2.90 -10.45 10.34
N LEU A 31 1.84 -9.93 10.91
CA LEU A 31 1.31 -8.60 10.52
C LEU A 31 2.26 -7.44 10.81
N HIS A 32 3.04 -7.58 11.90
CA HIS A 32 4.01 -6.59 12.26
C HIS A 32 5.22 -6.56 11.33
N ARG A 33 5.37 -7.44 10.36
CA ARG A 33 6.45 -7.33 9.41
C ARG A 33 5.97 -6.82 8.08
N ILE A 34 4.69 -6.43 7.98
CA ILE A 34 4.16 -5.99 6.70
C ILE A 34 4.54 -4.55 6.44
N VAL A 35 5.15 -4.30 5.29
CA VAL A 35 5.29 -2.97 4.73
C VAL A 35 4.44 -3.00 3.48
N THR A 36 3.63 -1.96 3.32
CA THR A 36 2.66 -1.92 2.23
C THR A 36 2.62 -0.54 1.60
N GLY A 37 2.18 -0.46 0.36
CA GLY A 37 2.24 0.79 -0.36
C GLY A 37 1.29 0.81 -1.53
N ASP A 38 0.99 2.01 -2.03
CA ASP A 38 0.17 2.19 -3.23
C ASP A 38 0.34 3.62 -3.72
N GLU A 39 -0.17 3.85 -4.94
CA GLU A 39 -0.09 5.17 -5.62
C GLU A 39 -1.48 5.77 -5.63
N LYS A 40 -1.57 7.09 -5.50
CA LYS A 40 -2.84 7.83 -5.67
C LYS A 40 -2.57 9.22 -6.28
N TRP A 41 -3.35 9.55 -7.30
CA TRP A 41 -3.39 10.89 -7.91
C TRP A 41 -3.95 11.91 -6.94
N ILE A 42 -3.23 13.03 -6.82
CA ILE A 42 -3.76 14.19 -6.15
C ILE A 42 -3.80 15.36 -7.13
N PHE A 43 -4.94 16.05 -7.18
CA PHE A 43 -5.21 17.13 -8.12
C PHE A 43 -5.06 18.51 -7.50
N PHE A 44 -4.37 19.39 -8.21
CA PHE A 44 -4.31 20.78 -7.87
C PHE A 44 -4.57 21.65 -9.09
N VAL A 45 -5.14 22.83 -8.85
CA VAL A 45 -5.41 23.84 -9.89
C VAL A 45 -4.36 24.95 -9.83
N ASN A 46 -3.61 25.17 -10.92
CA ASN A 46 -2.57 26.21 -10.87
C ASN A 46 -3.08 27.67 -11.13
N PRO A 47 -2.48 28.66 -10.44
CA PRO A 47 -3.01 30.03 -10.35
C PRO A 47 -4.17 30.46 -11.30
N LYS A 71 -4.17 19.90 -13.40
CA LYS A 71 -2.89 19.36 -12.95
C LYS A 71 -3.03 18.29 -11.83
N LYS A 72 -2.12 17.31 -11.83
CA LYS A 72 -2.19 16.17 -10.93
C LYS A 72 -0.80 15.66 -10.69
N THR A 73 -0.53 15.30 -9.44
CA THR A 73 0.69 14.63 -8.98
C THR A 73 0.35 13.23 -8.46
N MET A 74 1.28 12.30 -8.64
CA MET A 74 1.05 11.00 -8.13
C MET A 74 1.74 10.89 -6.81
N LEU A 75 0.96 10.65 -5.74
CA LEU A 75 1.50 10.25 -4.43
C LEU A 75 1.87 8.75 -4.40
N CYS A 76 3.09 8.42 -4.04
CA CYS A 76 3.54 7.02 -3.96
C CYS A 76 3.97 6.89 -2.53
N VAL A 77 3.36 6.02 -1.73
CA VAL A 77 3.56 6.10 -0.30
C VAL A 77 3.70 4.66 0.23
N TRP A 78 4.58 4.39 1.21
CA TRP A 78 4.77 3.07 1.80
C TRP A 78 4.77 3.21 3.32
N TRP A 79 4.17 2.25 4.00
CA TRP A 79 3.99 2.37 5.41
C TRP A 79 3.79 1.00 6.02
N ASP A 80 3.90 0.99 7.35
CA ASP A 80 3.69 -0.16 8.17
C ASP A 80 2.91 0.26 9.41
N GLN A 81 2.79 -0.63 10.39
CA GLN A 81 1.90 -0.39 11.53
C GLN A 81 2.42 0.73 12.45
N SER A 82 3.64 1.20 12.21
CA SER A 82 4.21 2.27 13.00
C SER A 82 4.11 3.61 12.32
N GLY A 83 3.74 3.67 11.04
CA GLY A 83 3.57 4.94 10.35
C GLY A 83 4.15 4.94 8.96
N VAL A 84 4.14 6.07 8.30
CA VAL A 84 4.68 6.21 6.96
C VAL A 84 6.21 6.06 6.97
N ILE A 85 6.76 5.29 6.07
CA ILE A 85 8.20 5.00 6.04
C ILE A 85 8.85 5.92 5.02
N TYR A 86 8.21 6.01 3.87
CA TYR A 86 8.76 6.75 2.72
C TYR A 86 7.65 7.12 1.78
N TYR A 87 7.69 8.28 1.16
CA TYR A 87 6.78 8.56 0.03
C TYR A 87 7.38 9.52 -0.97
N GLU A 88 6.79 9.60 -2.14
CA GLU A 88 7.30 10.45 -3.21
C GLU A 88 6.07 11.08 -3.79
N LEU A 89 6.10 12.40 -4.03
CA LEU A 89 5.08 13.03 -4.81
C LEU A 89 5.65 13.30 -6.20
N LEU A 90 5.16 12.66 -7.23
CA LEU A 90 5.80 12.85 -8.53
C LEU A 90 5.34 14.17 -9.15
N LYS A 91 6.23 14.80 -9.95
CA LYS A 91 5.93 16.06 -10.65
C LYS A 91 4.75 15.87 -11.61
N PRO A 92 3.91 16.90 -11.69
CA PRO A 92 2.72 16.93 -12.51
C PRO A 92 2.71 16.08 -13.79
N GLY A 93 1.66 15.26 -13.88
CA GLY A 93 1.45 14.42 -15.04
C GLY A 93 2.35 13.20 -15.13
N GLU A 94 3.58 13.27 -14.59
CA GLU A 94 4.57 12.15 -14.63
C GLU A 94 4.09 10.86 -13.91
N THR A 95 4.66 9.73 -14.29
CA THR A 95 4.05 8.43 -13.97
C THR A 95 5.03 7.38 -13.43
N VAL A 96 4.55 6.38 -12.74
CA VAL A 96 5.47 5.31 -12.29
C VAL A 96 5.60 4.24 -13.35
N ASN A 97 6.77 4.13 -13.99
CA ASN A 97 7.03 2.99 -14.89
C ASN A 97 7.98 2.04 -14.14
N ALA A 98 8.32 0.92 -14.79
CA ALA A 98 9.16 -0.12 -14.24
C ALA A 98 10.42 0.44 -13.66
N ALA A 99 11.06 1.37 -14.34
CA ALA A 99 12.38 1.89 -13.87
C ALA A 99 12.32 2.82 -12.66
N ARG A 100 11.35 3.71 -12.66
CA ARG A 100 11.12 4.55 -11.49
C ARG A 100 10.68 3.71 -10.27
N TYR A 101 9.79 2.75 -10.46
CA TYR A 101 9.38 1.93 -9.30
C TYR A 101 10.58 1.21 -8.67
N GLN A 102 11.49 0.66 -9.49
CA GLN A 102 12.69 -0.01 -8.99
C GLN A 102 13.56 0.92 -8.14
N GLN A 103 13.73 2.11 -8.67
CA GLN A 103 14.38 3.18 -7.92
C GLN A 103 13.61 3.61 -6.61
N GLN A 104 12.27 3.59 -6.59
CA GLN A 104 11.51 3.84 -5.36
C GLN A 104 11.75 2.78 -4.30
N LEU A 105 11.85 1.54 -4.74
CA LEU A 105 12.04 0.45 -3.80
C LEU A 105 13.42 0.54 -3.16
N ILE A 106 14.41 0.94 -3.96
CA ILE A 106 15.78 1.02 -3.46
C ILE A 106 15.80 2.12 -2.41
N ASN A 107 15.13 3.22 -2.67
CA ASN A 107 15.00 4.34 -1.69
C ASN A 107 14.18 4.02 -0.48
N LEU A 108 13.07 3.30 -0.69
CA LEU A 108 12.24 2.79 0.40
C LEU A 108 13.07 1.97 1.34
N ASN A 109 13.93 1.15 0.82
CA ASN A 109 14.79 0.30 1.60
C ASN A 109 15.78 1.11 2.37
N ARG A 110 16.32 2.18 1.80
CA ARG A 110 17.22 3.02 2.53
C ARG A 110 16.50 3.64 3.71
N ALA A 111 15.23 4.07 3.53
CA ALA A 111 14.39 4.70 4.57
C ALA A 111 14.01 3.71 5.67
N LEU A 112 13.74 2.44 5.31
CA LEU A 112 13.44 1.42 6.30
C LEU A 112 14.62 1.20 7.22
N GLN A 113 15.79 1.12 6.62
CA GLN A 113 16.98 0.91 7.35
C GLN A 113 17.15 2.06 8.35
N ARG A 114 16.90 3.28 7.92
CA ARG A 114 17.00 4.39 8.84
C ARG A 114 15.92 4.47 9.88
N LYS A 115 14.69 4.07 9.54
CA LYS A 115 13.54 4.31 10.43
C LYS A 115 13.07 3.07 11.14
N ARG A 116 13.56 1.89 10.70
CA ARG A 116 13.14 0.61 11.29
C ARG A 116 14.30 -0.26 11.64
N PRO A 117 14.82 -0.09 12.85
CA PRO A 117 15.99 -0.81 13.34
C PRO A 117 15.83 -2.32 13.38
N GLU A 118 14.70 -2.84 13.84
CA GLU A 118 14.37 -4.27 13.62
C GLU A 118 14.86 -4.84 12.28
N TYR A 119 14.63 -4.13 11.19
CA TYR A 119 15.09 -4.53 9.83
C TYR A 119 16.54 -4.14 9.47
N GLN A 120 17.00 -3.03 10.00
CA GLN A 120 18.39 -2.66 9.82
C GLN A 120 19.32 -3.78 10.34
N LYS A 121 18.91 -4.36 11.47
CA LYS A 121 19.64 -5.40 12.21
C LYS A 121 19.39 -6.80 11.70
N ARG A 122 18.62 -6.88 10.60
CA ARG A 122 18.18 -8.13 9.90
C ARG A 122 17.77 -9.24 10.82
N GLN A 123 17.09 -8.86 11.89
CA GLN A 123 16.47 -9.85 12.75
C GLN A 123 15.04 -10.10 12.30
N HIS A 124 14.60 -9.38 11.27
CA HIS A 124 13.27 -9.64 10.70
C HIS A 124 13.30 -9.39 9.23
N ARG A 125 12.68 -10.29 8.50
CA ARG A 125 12.45 -10.16 7.10
C ARG A 125 11.14 -9.37 6.84
N VAL A 126 11.25 -8.40 5.95
CA VAL A 126 10.14 -7.59 5.48
C VAL A 126 9.17 -8.42 4.66
N ILE A 127 7.88 -8.32 5.02
CA ILE A 127 6.82 -8.83 4.20
C ILE A 127 6.19 -7.65 3.41
N PHE A 128 6.31 -7.71 2.10
CA PHE A 128 5.93 -6.60 1.23
C PHE A 128 4.57 -6.86 0.57
N LEU A 129 3.67 -5.89 0.74
CA LEU A 129 2.26 -5.97 0.29
C LEU A 129 2.02 -4.83 -0.73
N HIS A 130 2.04 -5.14 -2.02
CA HIS A 130 1.71 -4.16 -3.06
C HIS A 130 0.85 -4.78 -4.12
N ASP A 131 0.25 -3.97 -4.97
CA ASP A 131 -0.60 -4.56 -5.96
C ASP A 131 0.15 -4.99 -7.19
N ASN A 132 -0.60 -5.56 -8.13
CA ASN A 132 0.08 -6.10 -9.28
C ASN A 132 -0.10 -5.19 -10.50
N ALA A 133 -0.07 -3.88 -10.28
CA ALA A 133 0.09 -2.94 -11.36
C ALA A 133 1.29 -3.43 -12.15
N PRO A 134 1.33 -3.16 -13.45
CA PRO A 134 2.36 -3.75 -14.32
C PRO A 134 3.74 -3.27 -13.91
N SER A 135 3.94 -1.97 -13.71
CA SER A 135 5.21 -1.46 -13.17
C SER A 135 5.67 -2.22 -11.91
N HIS A 136 4.75 -2.72 -11.11
CA HIS A 136 5.07 -3.56 -9.98
C HIS A 136 5.56 -4.93 -10.26
N THR A 137 5.33 -5.43 -11.47
CA THR A 137 5.79 -6.81 -11.80
C THR A 137 6.74 -6.84 -13.05
N ALA A 138 7.25 -5.69 -13.48
CA ALA A 138 8.25 -5.70 -14.52
C ALA A 138 9.42 -6.56 -14.06
N ARG A 139 10.17 -7.10 -15.01
CA ARG A 139 11.38 -7.94 -14.79
C ARG A 139 12.41 -7.27 -13.80
N ALA A 140 12.74 -6.02 -14.05
CA ALA A 140 13.69 -5.32 -13.22
C ALA A 140 13.19 -5.16 -11.78
N VAL A 141 11.87 -4.98 -11.61
CA VAL A 141 11.33 -4.75 -10.28
C VAL A 141 11.31 -6.06 -9.50
N ARG A 142 11.03 -7.12 -10.22
CA ARG A 142 11.06 -8.43 -9.63
C ARG A 142 12.43 -8.84 -9.11
N ASP A 143 13.44 -8.52 -9.92
CA ASP A 143 14.83 -8.72 -9.62
C ASP A 143 15.27 -7.97 -8.37
N THR A 144 14.99 -6.68 -8.32
CA THR A 144 15.21 -5.87 -7.13
C THR A 144 14.49 -6.41 -5.91
N LEU A 145 13.24 -6.81 -6.05
CA LEU A 145 12.57 -7.41 -4.93
C LEU A 145 13.27 -8.64 -4.45
N GLU A 146 13.72 -9.52 -5.32
CA GLU A 146 14.52 -10.70 -4.87
C GLU A 146 15.80 -10.37 -4.17
N THR A 147 16.53 -9.42 -4.74
CA THR A 147 17.75 -8.92 -4.16
C THR A 147 17.54 -8.35 -2.75
N LEU A 148 16.55 -7.48 -2.60
CA LEU A 148 16.24 -6.93 -1.31
C LEU A 148 15.77 -8.06 -0.49
N ASN A 149 15.21 -9.09 -1.15
CA ASN A 149 14.75 -10.31 -0.48
C ASN A 149 13.57 -10.18 0.50
N TRP A 150 12.66 -9.30 0.15
CA TRP A 150 11.43 -9.18 0.91
C TRP A 150 10.51 -10.26 0.45
N GLU A 151 9.76 -10.83 1.36
CA GLU A 151 8.71 -11.72 0.98
C GLU A 151 7.55 -10.97 0.26
N VAL A 152 7.18 -11.38 -0.95
CA VAL A 152 6.14 -10.69 -1.66
C VAL A 152 4.81 -11.42 -1.44
N LEU A 153 3.89 -10.76 -0.74
CA LEU A 153 2.62 -11.37 -0.39
C LEU A 153 1.76 -11.45 -1.66
N PRO A 154 0.97 -12.49 -1.82
CA PRO A 154 0.12 -12.55 -3.03
C PRO A 154 -1.01 -11.56 -2.90
N HIS A 155 -1.28 -10.87 -3.98
CA HIS A 155 -2.32 -9.93 -3.87
C HIS A 155 -3.20 -10.28 -5.07
N ALA A 156 -4.46 -10.53 -4.73
CA ALA A 156 -5.66 -10.61 -5.53
C ALA A 156 -5.89 -9.45 -6.54
N ALA A 157 -6.42 -9.80 -7.72
CA ALA A 157 -6.98 -8.85 -8.75
C ALA A 157 -8.28 -8.15 -8.31
N TYR A 158 -8.22 -6.80 -8.36
CA TYR A 158 -9.33 -5.90 -8.09
C TYR A 158 -9.70 -5.84 -6.62
N SER A 159 -8.68 -5.84 -5.75
CA SER A 159 -8.92 -6.00 -4.32
C SER A 159 -8.48 -4.87 -3.40
N PRO A 160 -8.94 -3.64 -3.62
CA PRO A 160 -8.57 -2.56 -2.80
C PRO A 160 -9.16 -2.74 -1.42
N ASP A 161 -10.17 -3.58 -1.32
CA ASP A 161 -10.75 -3.91 -0.06
C ASP A 161 -9.83 -4.79 0.75
N LEU A 162 -8.73 -5.26 0.13
CA LEU A 162 -7.77 -6.08 0.86
C LEU A 162 -6.35 -5.47 0.94
N ALA A 163 -6.24 -4.23 0.41
CA ALA A 163 -5.06 -3.43 0.34
C ALA A 163 -5.16 -2.37 1.45
N PRO A 164 -4.41 -2.44 2.56
CA PRO A 164 -4.58 -1.45 3.59
C PRO A 164 -4.38 0.02 3.11
N SER A 165 -3.57 0.26 2.10
CA SER A 165 -3.40 1.62 1.62
C SER A 165 -4.70 2.21 1.09
N ASP A 166 -5.57 1.34 0.54
CA ASP A 166 -6.77 1.81 -0.09
C ASP A 166 -7.87 1.84 0.93
N TYR A 167 -8.16 0.72 1.62
CA TYR A 167 -9.32 0.70 2.54
C TYR A 167 -9.07 1.50 3.77
N HIS A 168 -7.82 1.78 4.12
CA HIS A 168 -7.57 2.48 5.36
C HIS A 168 -6.91 3.80 5.11
N LEU A 169 -5.66 3.82 4.62
CA LEU A 169 -4.98 5.07 4.44
C LEU A 169 -5.64 6.09 3.51
N PHE A 170 -5.86 5.69 2.26
CA PHE A 170 -6.38 6.62 1.21
C PHE A 170 -7.88 6.84 1.43
N ALA A 171 -8.56 5.95 2.13
CA ALA A 171 -9.97 6.18 2.46
C ALA A 171 -10.04 7.29 3.48
N SER A 172 -9.26 7.18 4.53
CA SER A 172 -9.16 8.29 5.44
C SER A 172 -8.66 9.62 4.80
N MET A 173 -7.60 9.57 3.98
CA MET A 173 -7.05 10.73 3.31
C MET A 173 -8.03 11.42 2.37
N GLY A 174 -8.80 10.65 1.59
CA GLY A 174 -9.65 11.20 0.52
C GLY A 174 -10.69 12.16 1.07
N HIS A 175 -11.22 11.81 2.23
CA HIS A 175 -12.14 12.67 2.92
C HIS A 175 -11.54 14.04 3.24
N ALA A 176 -10.37 14.05 3.90
CA ALA A 176 -9.66 15.26 4.26
C ALA A 176 -9.30 16.07 3.01
N LEU A 177 -8.91 15.38 1.94
CA LEU A 177 -8.50 16.01 0.70
C LEU A 177 -9.65 16.66 -0.05
N ALA A 178 -10.88 16.20 0.23
CA ALA A 178 -12.08 16.70 -0.44
C ALA A 178 -12.20 18.23 -0.19
N GLU A 179 -12.02 18.64 1.05
CA GLU A 179 -11.95 20.02 1.47
C GLU A 179 -10.69 20.81 1.02
N GLN A 180 -9.78 20.22 0.25
CA GLN A 180 -8.59 20.97 -0.12
C GLN A 180 -8.69 21.48 -1.54
N ARG A 181 -8.10 22.63 -1.81
CA ARG A 181 -7.97 23.11 -3.16
C ARG A 181 -6.53 23.54 -3.28
N PHE A 182 -5.69 22.58 -3.62
CA PHE A 182 -4.31 22.85 -3.71
C PHE A 182 -3.90 23.74 -4.86
N ASP A 183 -2.94 24.58 -4.48
CA ASP A 183 -2.42 25.65 -5.32
C ASP A 183 -1.13 25.27 -6.10
N SER A 184 -0.42 24.31 -5.56
CA SER A 184 0.88 24.01 -6.05
C SER A 184 1.24 22.62 -5.57
N TYR A 185 1.99 21.95 -6.42
CA TYR A 185 2.77 20.82 -6.03
C TYR A 185 3.27 20.96 -4.58
N GLU A 186 3.79 22.12 -4.18
CA GLU A 186 4.35 22.17 -2.82
C GLU A 186 3.33 22.31 -1.69
N SER A 187 2.15 22.81 -1.99
CA SER A 187 1.05 22.80 -1.00
C SER A 187 0.68 21.34 -0.67
N VAL A 188 0.51 20.55 -1.74
CA VAL A 188 0.18 19.14 -1.68
C VAL A 188 1.19 18.56 -0.69
N LYS A 189 2.47 18.86 -0.88
CA LYS A 189 3.52 18.24 -0.10
C LYS A 189 3.46 18.64 1.37
N LYS A 190 3.17 19.90 1.58
CA LYS A 190 3.00 20.47 2.92
C LYS A 190 1.84 19.81 3.59
N TRP A 191 0.69 19.82 2.91
CA TRP A 191 -0.48 19.16 3.49
C TRP A 191 -0.22 17.66 3.86
N LEU A 192 0.44 16.96 2.95
CA LEU A 192 0.77 15.55 3.15
C LEU A 192 1.63 15.33 4.41
N ASP A 193 2.69 16.12 4.58
CA ASP A 193 3.53 16.01 5.80
C ASP A 193 2.79 16.19 7.05
N GLU A 194 1.92 17.20 7.10
CA GLU A 194 1.16 17.44 8.33
C GLU A 194 0.15 16.33 8.58
N TRP A 195 -0.55 15.95 7.50
CA TRP A 195 -1.57 14.94 7.59
C TRP A 195 -0.96 13.63 8.09
N PHE A 196 0.07 13.11 7.47
CA PHE A 196 0.70 11.88 7.99
C PHE A 196 1.15 12.01 9.47
N ALA A 197 1.59 13.19 9.85
CA ALA A 197 2.17 13.33 11.20
C ALA A 197 1.09 13.46 12.23
N ALA A 198 -0.06 14.04 11.90
CA ALA A 198 -1.13 14.26 12.86
C ALA A 198 -1.87 12.93 13.14
N LYS A 199 -1.67 11.90 12.30
CA LYS A 199 -2.23 10.61 12.63
C LYS A 199 -1.41 9.99 13.75
N ASP A 200 -2.15 9.57 14.76
CA ASP A 200 -1.74 8.65 15.79
C ASP A 200 -1.03 7.34 15.33
N ASP A 201 -0.08 6.84 16.11
CA ASP A 201 0.58 5.56 15.81
C ASP A 201 -0.46 4.48 15.61
N GLU A 202 -1.49 4.57 16.44
CA GLU A 202 -2.47 3.54 16.58
C GLU A 202 -3.40 3.56 15.38
N PHE A 203 -3.50 4.68 14.72
CA PHE A 203 -4.16 4.73 13.41
C PHE A 203 -3.53 3.77 12.36
N TYR A 204 -2.21 3.78 12.25
CA TYR A 204 -1.48 2.96 11.27
C TYR A 204 -1.59 1.53 11.70
N TRP A 205 -1.59 1.31 13.02
CA TRP A 205 -1.55 -0.05 13.52
C TRP A 205 -2.92 -0.71 13.17
N ARG A 206 -3.97 0.07 13.27
CA ARG A 206 -5.30 -0.48 13.12
C ARG A 206 -5.45 -0.82 11.65
N GLY A 207 -4.91 0.01 10.78
CA GLY A 207 -5.00 -0.23 9.36
C GLY A 207 -4.47 -1.56 8.98
N ILE A 208 -3.28 -1.90 9.51
CA ILE A 208 -2.65 -3.14 9.22
C ILE A 208 -3.35 -4.28 9.92
N HIS A 209 -3.70 -4.06 11.21
CA HIS A 209 -4.27 -5.13 11.99
C HIS A 209 -5.75 -5.40 11.68
N LYS A 210 -6.37 -4.62 10.79
CA LYS A 210 -7.68 -5.03 10.29
C LYS A 210 -7.59 -6.16 9.21
N LEU A 211 -6.39 -6.56 8.77
CA LEU A 211 -6.34 -7.49 7.67
C LEU A 211 -7.10 -8.82 7.87
N PRO A 212 -6.87 -9.51 8.98
CA PRO A 212 -7.46 -10.81 9.17
C PRO A 212 -8.97 -10.75 9.12
N GLU A 213 -9.60 -9.73 9.72
CA GLU A 213 -11.03 -9.54 9.65
C GLU A 213 -11.49 -9.49 8.17
N ARG A 214 -10.76 -8.76 7.35
CA ARG A 214 -11.09 -8.64 5.93
C ARG A 214 -10.85 -9.93 5.17
N TRP A 215 -9.77 -10.65 5.46
CA TRP A 215 -9.51 -11.96 4.81
C TRP A 215 -10.68 -12.90 5.17
N GLU A 216 -11.19 -12.73 6.41
CA GLU A 216 -12.20 -13.62 6.91
C GLU A 216 -13.57 -13.32 6.27
N LYS A 217 -13.90 -12.04 6.18
CA LYS A 217 -15.03 -11.62 5.38
C LYS A 217 -14.96 -12.05 3.93
N CYS A 218 -13.78 -12.05 3.36
CA CYS A 218 -13.62 -12.39 1.98
C CYS A 218 -13.81 -13.90 1.72
N VAL A 219 -13.24 -14.71 2.61
CA VAL A 219 -13.51 -16.14 2.60
C VAL A 219 -15.05 -16.41 2.82
N ALA A 220 -15.68 -15.79 3.81
CA ALA A 220 -17.07 -16.02 4.07
C ALA A 220 -18.00 -15.52 2.95
N SER A 221 -17.59 -14.50 2.13
CA SER A 221 -18.30 -14.19 0.92
C SER A 221 -17.89 -15.08 -0.24
N ASP A 222 -17.07 -16.06 -0.06
CA ASP A 222 -16.61 -16.80 -1.24
C ASP A 222 -15.89 -15.96 -2.32
N GLY A 223 -15.07 -15.00 -1.92
CA GLY A 223 -14.31 -14.20 -2.90
C GLY A 223 -15.07 -13.00 -3.40
N LYS A 224 -16.35 -12.81 -3.05
CA LYS A 224 -17.05 -11.62 -3.53
C LYS A 224 -16.55 -10.43 -2.73
N TYR A 225 -16.93 -9.22 -3.15
CA TYR A 225 -16.81 -8.00 -2.36
C TYR A 225 -17.71 -8.18 -1.19
N PHE A 226 -17.46 -7.40 -0.14
CA PHE A 226 -18.20 -7.63 1.08
C PHE A 226 -18.58 -6.34 1.81
N GLU A 227 -19.29 -6.52 2.89
CA GLU A 227 -19.70 -5.41 3.77
C GLU A 227 -18.99 -5.53 5.16
MG MG B . -2.54 0.55 -7.02
#